data_7RUX
#
_entry.id   7RUX
#
_cell.length_a   30.450
_cell.length_b   72.300
_cell.length_c   55.725
_cell.angle_alpha   90.000
_cell.angle_beta   106.624
_cell.angle_gamma   90.000
#
_symmetry.space_group_name_H-M   'C 1 2 1'
#
loop_
_entity.id
_entity.type
_entity.pdbx_description
1 polymer 'B-cell lymphoma 6 protein'
2 non-polymer N-(3-chloropyridin-4-yl)-2-(3-(cyclopropylmethyl)-4-oxo-3,4-dihydro-7H-pyrrolo[2,3-d]pyrimidin-7-yl)acetamide
3 non-polymer 'FORMIC ACID'
4 water water
#
_entity_poly.entity_id   1
_entity_poly.type   'polypeptide(L)'
_entity_poly.pdbx_seq_one_letter_code
;GSADSQIQFTRHASDVLLNLNRLRSRDILTDVVIVVSREQFRAHKTVLMACSGLFYSIFTDQLKRNLSVINLDPEINPEG
FNILLDFMYTSRLNLREGNIMAVMATAMYLQMEHVVDTCRKFIKASE
;
_entity_poly.pdbx_strand_id   A
#
loop_
_chem_comp.id
_chem_comp.type
_chem_comp.name
_chem_comp.formula
7RW non-polymer N-(3-chloropyridin-4-yl)-2-(3-(cyclopropylmethyl)-4-oxo-3,4-dihydro-7H-pyrrolo[2,3-d]pyrimidin-7-yl)acetamide 'C17 H17 Cl N6 O2'
FMT non-polymer 'FORMIC ACID' 'C H2 O2'
#
# COMPACT_ATOMS: atom_id res chain seq x y z
N SER A 5 -1.95 -17.00 -26.84
CA SER A 5 -2.71 -16.68 -28.04
C SER A 5 -4.08 -16.08 -27.72
N GLN A 6 -4.28 -15.73 -26.47
CA GLN A 6 -5.56 -15.22 -26.02
C GLN A 6 -5.67 -13.73 -26.32
N ILE A 7 -6.90 -13.22 -26.32
CA ILE A 7 -7.16 -11.83 -26.58
C ILE A 7 -6.82 -11.03 -25.34
N GLN A 8 -6.00 -9.99 -25.49
CA GLN A 8 -5.55 -9.19 -24.37
CA GLN A 8 -5.55 -9.20 -24.36
C GLN A 8 -6.40 -7.94 -24.24
N PHE A 9 -6.92 -7.69 -23.03
CA PHE A 9 -7.71 -6.50 -22.74
C PHE A 9 -6.79 -5.55 -21.98
N THR A 10 -6.31 -4.53 -22.68
CA THR A 10 -5.20 -3.72 -22.18
C THR A 10 -5.59 -2.79 -21.04
N ARG A 11 -6.85 -2.59 -20.80
CA ARG A 11 -7.28 -1.73 -19.69
C ARG A 11 -7.92 -2.56 -18.57
N HIS A 12 -8.00 -3.83 -18.67
CA HIS A 12 -8.73 -4.61 -17.69
C HIS A 12 -8.12 -4.49 -16.29
N ALA A 13 -6.79 -4.63 -16.18
CA ALA A 13 -6.20 -4.63 -14.84
C ALA A 13 -6.39 -3.27 -14.17
N SER A 14 -6.20 -2.20 -14.93
N SER A 14 -6.20 -2.20 -14.93
CA SER A 14 -6.42 -0.84 -14.38
CA SER A 14 -6.41 -0.84 -14.36
C SER A 14 -7.89 -0.70 -13.95
C SER A 14 -7.89 -0.70 -13.95
N ASP A 15 -8.83 -1.21 -14.75
CA ASP A 15 -10.25 -1.15 -14.42
C ASP A 15 -10.55 -1.92 -13.13
N VAL A 16 -9.97 -3.12 -12.97
CA VAL A 16 -10.17 -3.89 -11.74
C VAL A 16 -9.68 -3.08 -10.54
N LEU A 17 -8.46 -2.52 -10.65
CA LEU A 17 -7.90 -1.81 -9.51
C LEU A 17 -8.76 -0.61 -9.14
N LEU A 18 -9.23 0.13 -10.15
CA LEU A 18 -10.13 1.24 -9.89
C LEU A 18 -11.37 0.78 -9.15
N ASN A 19 -11.96 -0.34 -9.58
CA ASN A 19 -13.15 -0.84 -8.92
C ASN A 19 -12.86 -1.33 -7.50
N LEU A 20 -11.69 -1.92 -7.27
CA LEU A 20 -11.29 -2.28 -5.91
C LEU A 20 -11.16 -1.05 -5.03
N ASN A 21 -10.63 0.04 -5.58
CA ASN A 21 -10.53 1.27 -4.81
C ASN A 21 -11.92 1.84 -4.52
N ARG A 22 -12.85 1.75 -5.47
CA ARG A 22 -14.23 2.14 -5.21
C ARG A 22 -14.84 1.30 -4.08
N LEU A 23 -14.57 0.00 -4.06
CA LEU A 23 -15.07 -0.82 -2.97
C LEU A 23 -14.47 -0.37 -1.64
N ARG A 24 -13.16 -0.06 -1.63
CA ARG A 24 -12.53 0.42 -0.39
C ARG A 24 -13.18 1.70 0.08
N SER A 25 -13.48 2.60 -0.86
CA SER A 25 -14.07 3.89 -0.52
C SER A 25 -15.45 3.75 0.09
N ARG A 26 -16.12 2.63 -0.16
CA ARG A 26 -17.43 2.35 0.38
C ARG A 26 -17.37 1.32 1.50
N ASP A 27 -16.16 0.93 1.90
CA ASP A 27 -15.96 -0.05 2.97
C ASP A 27 -16.65 -1.38 2.65
N ILE A 28 -16.66 -1.76 1.39
CA ILE A 28 -17.28 -3.02 0.99
C ILE A 28 -16.22 -4.11 0.97
N LEU A 29 -16.40 -5.10 1.83
CA LEU A 29 -15.59 -6.30 1.95
C LEU A 29 -14.18 -6.01 2.43
N THR A 30 -13.93 -4.82 2.99
CA THR A 30 -12.67 -4.61 3.68
C THR A 30 -12.63 -5.54 4.87
N ASP A 31 -11.44 -6.03 5.19
CA ASP A 31 -11.31 -7.08 6.20
C ASP A 31 -10.16 -6.81 7.16
N VAL A 32 -9.54 -5.64 7.11
CA VAL A 32 -8.49 -5.31 8.07
C VAL A 32 -8.50 -3.81 8.30
N VAL A 33 -8.14 -3.43 9.52
CA VAL A 33 -7.81 -2.06 9.83
CA VAL A 33 -7.82 -2.07 9.90
C VAL A 33 -6.33 -2.01 10.20
N ILE A 34 -5.63 -1.07 9.56
CA ILE A 34 -4.22 -0.82 9.81
C ILE A 34 -4.17 0.41 10.71
N VAL A 35 -3.59 0.24 11.90
CA VAL A 35 -3.45 1.32 12.87
C VAL A 35 -2.05 1.88 12.77
N VAL A 36 -1.94 3.18 12.56
CA VAL A 36 -0.66 3.85 12.38
C VAL A 36 -0.71 5.04 13.32
N SER A 37 -0.09 4.89 14.50
CA SER A 37 -0.17 5.91 15.54
C SER A 37 -1.62 6.24 15.85
N ARG A 38 -2.07 7.47 15.66
CA ARG A 38 -3.44 7.89 16.10
C ARG A 38 -4.44 7.71 14.95
N GLU A 39 -4.02 7.20 13.80
CA GLU A 39 -4.89 7.06 12.63
C GLU A 39 -5.15 5.60 12.34
N GLN A 40 -6.28 5.34 11.69
CA GLN A 40 -6.68 3.97 11.29
C GLN A 40 -7.02 4.02 9.80
N PHE A 41 -6.71 2.96 9.07
CA PHE A 41 -7.03 2.85 7.66
C PHE A 41 -7.57 1.46 7.37
N ARG A 42 -8.73 1.37 6.72
CA ARG A 42 -9.27 0.07 6.36
C ARG A 42 -8.84 -0.32 4.95
N ALA A 43 -8.71 -1.62 4.71
CA ALA A 43 -8.28 -2.08 3.40
C ALA A 43 -8.68 -3.52 3.20
N HIS A 44 -8.40 -4.01 2.00
CA HIS A 44 -8.55 -5.41 1.67
C HIS A 44 -7.19 -6.10 1.83
N LYS A 45 -7.15 -7.17 2.63
CA LYS A 45 -5.89 -7.88 2.85
C LYS A 45 -5.29 -8.35 1.53
N THR A 46 -6.12 -8.75 0.58
CA THR A 46 -5.59 -9.27 -0.67
C THR A 46 -4.78 -8.20 -1.40
N VAL A 47 -5.29 -6.96 -1.44
CA VAL A 47 -4.56 -5.89 -2.11
C VAL A 47 -3.26 -5.57 -1.35
N LEU A 48 -3.33 -5.51 -0.02
CA LEU A 48 -2.13 -5.30 0.77
C LEU A 48 -1.08 -6.36 0.45
N MET A 49 -1.47 -7.63 0.40
CA MET A 49 -0.53 -8.71 0.15
C MET A 49 0.05 -8.57 -1.26
N ALA A 50 -0.77 -8.12 -2.21
CA ALA A 50 -0.33 -7.98 -3.59
C ALA A 50 0.67 -6.87 -3.77
N CYS A 51 0.74 -5.92 -2.83
CA CYS A 51 1.52 -4.71 -3.01
C CYS A 51 2.68 -4.52 -2.03
N SER A 52 2.83 -5.38 -1.02
CA SER A 52 3.78 -5.14 0.06
C SER A 52 4.34 -6.47 0.55
N GLY A 53 5.66 -6.53 0.65
CA GLY A 53 6.29 -7.71 1.20
C GLY A 53 5.98 -7.92 2.68
N LEU A 54 5.84 -6.82 3.44
CA LEU A 54 5.47 -6.94 4.84
C LEU A 54 4.08 -7.57 4.97
N PHE A 55 3.07 -7.03 4.26
CA PHE A 55 1.73 -7.58 4.42
C PHE A 55 1.64 -8.98 3.82
N TYR A 56 2.37 -9.25 2.73
CA TYR A 56 2.40 -10.60 2.21
C TYR A 56 2.91 -11.58 3.27
N SER A 57 4.00 -11.21 3.93
CA SER A 57 4.60 -12.10 4.92
CA SER A 57 4.60 -12.12 4.91
C SER A 57 3.68 -12.30 6.11
N ILE A 58 2.98 -11.25 6.52
CA ILE A 58 2.09 -11.37 7.67
C ILE A 58 0.96 -12.32 7.32
N PHE A 59 0.22 -12.03 6.26
CA PHE A 59 -1.05 -12.72 6.01
C PHE A 59 -0.90 -14.10 5.39
N THR A 60 0.26 -14.42 4.77
CA THR A 60 0.47 -15.78 4.29
C THR A 60 0.63 -16.75 5.45
N ASP A 61 1.11 -16.28 6.59
CA ASP A 61 1.27 -17.11 7.77
C ASP A 61 -0.11 -17.47 8.33
N GLN A 62 -0.41 -18.77 8.42
CA GLN A 62 -1.72 -19.18 8.92
C GLN A 62 -1.95 -18.68 10.35
N LEU A 63 -0.87 -18.42 11.08
CA LEU A 63 -0.99 -17.88 12.42
C LEU A 63 -1.62 -16.50 12.42
N LYS A 64 -1.38 -15.71 11.37
CA LYS A 64 -1.81 -14.33 11.32
C LYS A 64 -2.85 -14.06 10.24
N ARG A 65 -3.22 -15.07 9.44
CA ARG A 65 -4.09 -14.88 8.29
C ARG A 65 -5.38 -14.16 8.65
N ASN A 66 -5.94 -14.45 9.82
CA ASN A 66 -7.27 -13.95 10.17
C ASN A 66 -7.24 -12.70 11.04
N LEU A 67 -6.08 -12.09 11.23
CA LEU A 67 -6.05 -10.87 12.02
C LEU A 67 -6.91 -9.80 11.37
N SER A 68 -7.71 -9.11 12.18
CA SER A 68 -8.55 -8.04 11.68
C SER A 68 -7.98 -6.66 11.97
N VAL A 69 -6.95 -6.57 12.82
CA VAL A 69 -6.28 -5.32 13.15
C VAL A 69 -4.79 -5.58 13.11
N ILE A 70 -4.04 -4.70 12.45
CA ILE A 70 -2.58 -4.72 12.45
C ILE A 70 -2.12 -3.38 12.98
N ASN A 71 -1.31 -3.38 14.02
CA ASN A 71 -0.68 -2.17 14.54
C ASN A 71 0.71 -2.06 13.94
N LEU A 72 0.91 -1.04 13.13
CA LEU A 72 2.23 -0.81 12.59
C LEU A 72 3.16 -0.23 13.64
N ASP A 73 4.45 -0.32 13.35
CA ASP A 73 5.47 0.22 14.22
CA ASP A 73 5.49 0.23 14.20
C ASP A 73 5.14 1.67 14.58
N PRO A 74 5.26 2.05 15.85
CA PRO A 74 4.89 3.41 16.27
C PRO A 74 5.67 4.53 15.59
N GLU A 75 6.82 4.24 15.01
CA GLU A 75 7.60 5.29 14.38
C GLU A 75 7.14 5.61 12.97
N ILE A 76 6.27 4.78 12.40
CA ILE A 76 5.84 5.00 11.03
C ILE A 76 4.97 6.24 10.97
N ASN A 77 5.22 7.06 9.96
CA ASN A 77 4.48 8.28 9.73
C ASN A 77 3.14 7.96 9.07
N PRO A 78 2.00 8.37 9.66
CA PRO A 78 0.71 8.04 9.03
C PRO A 78 0.56 8.64 7.65
N GLU A 79 1.05 9.85 7.41
CA GLU A 79 0.97 10.44 6.08
C GLU A 79 1.72 9.58 5.08
N GLY A 80 2.94 9.15 5.43
CA GLY A 80 3.67 8.27 4.54
C GLY A 80 2.90 7.01 4.23
N PHE A 81 2.29 6.42 5.26
CA PHE A 81 1.49 5.22 5.04
C PHE A 81 0.30 5.50 4.12
N ASN A 82 -0.40 6.61 4.36
CA ASN A 82 -1.57 6.95 3.55
C ASN A 82 -1.18 7.12 2.09
N ILE A 83 -0.07 7.79 1.83
CA ILE A 83 0.43 7.97 0.46
C ILE A 83 0.67 6.62 -0.20
N LEU A 84 1.25 5.67 0.54
CA LEU A 84 1.52 4.36 -0.04
C LEU A 84 0.27 3.53 -0.22
N LEU A 85 -0.68 3.61 0.73
CA LEU A 85 -1.94 2.90 0.58
C LEU A 85 -2.67 3.40 -0.66
N ASP A 86 -2.72 4.73 -0.83
N ASP A 86 -2.70 4.72 -0.85
CA ASP A 86 -3.32 5.28 -2.04
CA ASP A 86 -3.34 5.25 -2.04
C ASP A 86 -2.63 4.72 -3.28
C ASP A 86 -2.63 4.77 -3.31
N PHE A 87 -1.30 4.71 -3.28
CA PHE A 87 -0.56 4.17 -4.41
C PHE A 87 -0.99 2.72 -4.70
N MET A 88 -1.14 1.91 -3.65
CA MET A 88 -1.47 0.51 -3.85
C MET A 88 -2.74 0.39 -4.67
N TYR A 89 -3.70 1.25 -4.41
CA TYR A 89 -5.03 1.17 -5.01
C TYR A 89 -5.19 2.02 -6.27
N THR A 90 -4.17 2.78 -6.67
CA THR A 90 -4.29 3.68 -7.82
C THR A 90 -3.16 3.62 -8.82
N SER A 91 -2.00 3.06 -8.47
CA SER A 91 -0.82 3.10 -9.32
C SER A 91 -0.17 4.48 -9.43
N ARG A 92 -0.62 5.45 -8.64
CA ARG A 92 -0.10 6.80 -8.67
C ARG A 92 0.50 7.12 -7.32
N LEU A 93 1.75 7.60 -7.33
CA LEU A 93 2.54 7.82 -6.13
C LEU A 93 2.76 9.31 -5.95
N ASN A 94 2.26 9.85 -4.84
CA ASN A 94 2.31 11.29 -4.58
C ASN A 94 3.61 11.62 -3.84
N LEU A 95 4.71 11.65 -4.60
CA LEU A 95 6.01 12.04 -4.05
C LEU A 95 6.22 13.54 -4.18
N ARG A 96 6.65 14.16 -3.09
CA ARG A 96 6.94 15.59 -3.06
C ARG A 96 8.19 15.81 -2.22
N GLU A 97 8.86 16.95 -2.45
N GLU A 97 8.86 16.94 -2.44
CA GLU A 97 10.05 17.25 -1.66
CA GLU A 97 10.06 17.23 -1.66
C GLU A 97 9.74 17.22 -0.18
C GLU A 97 9.75 17.23 -0.17
N GLY A 98 8.54 17.65 0.21
CA GLY A 98 8.16 17.66 1.61
C GLY A 98 7.80 16.32 2.22
N ASN A 99 7.69 15.24 1.42
CA ASN A 99 7.31 13.95 1.95
C ASN A 99 8.23 12.81 1.55
N ILE A 100 9.27 13.07 0.75
CA ILE A 100 10.03 11.97 0.15
C ILE A 100 10.64 11.09 1.23
N MET A 101 11.21 11.70 2.28
CA MET A 101 11.93 10.88 3.26
C MET A 101 10.95 9.99 4.03
N ALA A 102 9.78 10.53 4.42
CA ALA A 102 8.77 9.73 5.12
C ALA A 102 8.25 8.62 4.23
N VAL A 103 7.99 8.92 2.96
CA VAL A 103 7.50 7.89 2.05
C VAL A 103 8.54 6.79 1.86
N MET A 104 9.79 7.20 1.62
CA MET A 104 10.85 6.24 1.39
CA MET A 104 10.86 6.23 1.38
C MET A 104 11.02 5.31 2.59
N ALA A 105 11.08 5.89 3.79
CA ALA A 105 11.27 5.06 4.97
C ALA A 105 10.09 4.13 5.18
N THR A 106 8.88 4.64 4.91
CA THR A 106 7.71 3.78 5.07
C THR A 106 7.71 2.64 4.03
N ALA A 107 8.11 2.94 2.79
CA ALA A 107 8.18 1.91 1.77
C ALA A 107 9.23 0.86 2.11
N MET A 108 10.33 1.28 2.75
CA MET A 108 11.32 0.30 3.20
C MET A 108 10.70 -0.65 4.22
N TYR A 109 9.96 -0.09 5.19
CA TYR A 109 9.31 -0.89 6.23
C TYR A 109 8.25 -1.81 5.63
N LEU A 110 7.48 -1.30 4.67
CA LEU A 110 6.45 -2.10 4.02
C LEU A 110 7.03 -3.07 2.99
N GLN A 111 8.33 -3.03 2.73
CA GLN A 111 8.99 -3.94 1.79
C GLN A 111 8.37 -3.79 0.40
N MET A 112 8.39 -2.55 -0.08
CA MET A 112 7.94 -2.16 -1.42
C MET A 112 9.17 -1.70 -2.22
N GLU A 113 9.91 -2.67 -2.75
CA GLU A 113 11.25 -2.39 -3.27
C GLU A 113 11.23 -1.48 -4.48
N HIS A 114 10.28 -1.68 -5.40
CA HIS A 114 10.20 -0.82 -6.57
C HIS A 114 9.88 0.62 -6.18
N VAL A 115 9.01 0.81 -5.18
CA VAL A 115 8.77 2.17 -4.71
C VAL A 115 10.02 2.75 -4.07
N VAL A 116 10.73 1.97 -3.25
CA VAL A 116 11.97 2.47 -2.65
C VAL A 116 12.94 2.90 -3.74
N ASP A 117 13.07 2.12 -4.80
CA ASP A 117 13.99 2.49 -5.87
C ASP A 117 13.54 3.77 -6.57
N THR A 118 12.22 3.92 -6.76
CA THR A 118 11.69 5.17 -7.32
C THR A 118 12.01 6.35 -6.40
N CYS A 119 11.91 6.15 -5.09
CA CYS A 119 12.26 7.22 -4.16
C CYS A 119 13.73 7.61 -4.30
N ARG A 120 14.61 6.62 -4.50
CA ARG A 120 16.03 6.92 -4.70
C ARG A 120 16.24 7.74 -5.97
N LYS A 121 15.48 7.44 -7.02
CA LYS A 121 15.57 8.24 -8.24
C LYS A 121 15.07 9.65 -8.01
N PHE A 122 14.02 9.80 -7.22
CA PHE A 122 13.50 11.13 -6.91
C PHE A 122 14.54 11.95 -6.15
N ILE A 123 15.22 11.33 -5.18
CA ILE A 123 16.31 12.01 -4.49
C ILE A 123 17.39 12.41 -5.47
N LYS A 124 17.78 11.48 -6.34
CA LYS A 124 18.83 11.78 -7.31
C LYS A 124 18.44 12.97 -8.18
N ALA A 125 17.16 13.10 -8.51
CA ALA A 125 16.68 14.25 -9.28
C ALA A 125 16.55 15.51 -8.42
N SER A 126 16.72 15.39 -7.11
CA SER A 126 16.78 16.53 -6.19
C SER A 126 15.38 17.06 -5.85
C13 7RW B . 5.98 -5.72 -3.95
C17 7RW B . 3.99 -9.73 -3.48
C16 7RW B . 3.87 -8.41 -2.75
C19 7RW B . 2.74 -11.92 -3.70
C20 7RW B . 3.79 -12.69 -4.16
C11 7RW B . 6.25 -7.60 -2.62
C12 7RW B . 6.93 -6.56 -3.12
C14 7RW B . 4.79 -6.38 -3.86
N22 7RW B . 2.26 -14.45 -4.65
C02 7RW B . 8.32 -6.44 -2.80
C04 7RW B . 8.12 -8.42 -1.54
C06 7RW B . 8.02 -10.51 -0.16
C07 7RW B . 7.89 -11.71 -1.09
C08 7RW B . 7.70 -13.04 -1.28
C09 7RW B . 7.90 -12.22 -2.35
C21 7RW B . 3.52 -13.97 -4.64
C23 7RW B . 1.25 -13.73 -4.21
C24 7RW B . 1.45 -12.43 -3.72
N03 7RW B . 8.87 -7.38 -2.03
N05 7RW B . 8.78 -9.38 -0.69
N10 7RW B . 6.86 -8.58 -1.81
N15 7RW B . 4.94 -7.50 -3.07
N18 7RW B . 2.91 -10.59 -3.16
O01 7RW B . 9.07 -5.40 -3.27
O26 7RW B . 4.86 -10.01 -4.26
CL25 7RW B . 0.12 -11.53 -3.10
H131 7RW B . 6.17 -4.91 -4.44
H162 7RW B . 3.04 -7.99 -2.97
H161 7RW B . 3.87 -8.57 -1.80
H201 7RW B . 4.75 -12.32 -4.14
H141 7RW B . 3.93 -6.09 -4.31
H061 7RW B . 7.11 -10.20 0.08
H062 7RW B . 8.46 -10.81 0.68
H081 7RW B . 7.54 -13.87 -0.95
H091 7RW B . 7.98 -12.11 -3.24
H211 7RW B . 4.23 -14.50 -4.98
H231 7RW B . 0.44 -14.08 -4.21
H051 7RW B . 9.62 -9.29 -0.50
H181 7RW B . 2.35 -10.33 -2.64
H011 7RW B . 10.00 -5.56 -3.10
C FMT C . -13.41 -5.83 -19.16
O1 FMT C . -12.29 -5.59 -18.72
O2 FMT C . -14.17 -6.67 -18.65
H FMT C . -13.80 -5.29 -20.03
C FMT D . 3.63 -5.53 -6.89
O1 FMT D . 2.72 -4.72 -6.69
O2 FMT D . 4.49 -5.33 -7.76
H FMT D . 3.64 -6.48 -6.38
HO2 FMT D . 4.51 -4.50 -8.26
C FMT E . -10.45 -5.62 -27.23
O1 FMT E . -10.32 -6.44 -28.13
O2 FMT E . -10.05 -5.85 -26.09
H FMT E . -10.99 -4.69 -27.40
HO2 FMT E . -9.57 -6.68 -25.89
#